data_9DQ2
#
_entry.id   9DQ2
#
_cell.length_a   75.113
_cell.length_b   78.836
_cell.length_c   97.166
_cell.angle_alpha   90.000
_cell.angle_beta   90.000
_cell.angle_gamma   90.000
#
_symmetry.space_group_name_H-M   'P 21 21 21'
#
loop_
_entity.id
_entity.type
_entity.pdbx_description
1 polymer 'BsmA domain containing protein'
2 non-polymer 6-nitro-L-norleucine
3 non-polymer oxovanadium(2+)
4 non-polymer 'SUCCINIC ACID'
5 non-polymer GLYCEROL
6 non-polymer 'BROMIDE ION'
7 water water
#
_entity_poly.entity_id   1
_entity_poly.type   'polypeptide(L)'
_entity_poly.pdbx_seq_one_letter_code
;MPLGTEGFTVIDLPEVAPDILPSYDRCPVDDYMGNGTRFKRFSQYKLTPAEDDTWSFKRLPHRDYTTYKKFNPVGGGIRR
VYEPIEVDFTPLISEGIRELGLDRSEPWQINVHQNRTRADGGRPGPLTPEGVHHDGHEFVMIAILNKVNVAGGTTRLWKP
GADAPFWSGTLEAGQAVLLDDRGLAHDVTDVLSADGGPGHRDIVIIAFSRWAEKWYGDEHDAAALEEQEAHHHHHH
;
_entity_poly.pdbx_strand_id   A,B
#
# COMPACT_ATOMS: atom_id res chain seq x y z
N PRO A 2 -24.26 21.01 -13.67
CA PRO A 2 -23.75 19.69 -13.28
C PRO A 2 -22.48 19.31 -14.02
N LEU A 3 -22.06 18.06 -13.86
CA LEU A 3 -20.81 17.56 -14.43
C LEU A 3 -20.93 17.33 -15.92
N GLY A 4 -19.77 17.40 -16.61
CA GLY A 4 -19.68 16.99 -18.00
C GLY A 4 -20.33 15.65 -18.30
N THR A 5 -20.60 15.40 -19.58
CA THR A 5 -21.30 14.18 -19.98
C THR A 5 -20.47 12.94 -19.73
N GLU A 6 -19.16 13.08 -19.60
CA GLU A 6 -18.33 11.94 -19.26
C GLU A 6 -18.10 11.79 -17.77
N GLY A 7 -18.83 12.54 -16.94
CA GLY A 7 -18.79 12.32 -15.51
C GLY A 7 -17.72 13.06 -14.76
N PHE A 8 -17.09 14.06 -15.39
CA PHE A 8 -16.10 14.87 -14.70
C PHE A 8 -16.06 16.25 -15.33
N THR A 9 -15.48 17.18 -14.57
CA THR A 9 -15.23 18.55 -15.01
CA THR A 9 -15.12 18.47 -15.12
C THR A 9 -13.92 19.03 -14.37
N VAL A 10 -13.10 19.75 -15.11
CA VAL A 10 -11.93 20.40 -14.56
C VAL A 10 -12.24 21.89 -14.49
N ILE A 11 -11.94 22.49 -13.32
CA ILE A 11 -12.23 23.91 -13.13
C ILE A 11 -10.99 24.65 -12.64
N ASP A 12 -10.97 25.96 -12.89
CA ASP A 12 -9.99 26.84 -12.28
C ASP A 12 -10.49 27.29 -10.91
N LEU A 13 -9.55 27.45 -9.96
CA LEU A 13 -9.95 27.84 -8.63
C LEU A 13 -9.71 29.34 -8.40
N PRO A 14 -10.49 29.94 -7.50
CA PRO A 14 -10.24 31.33 -7.13
C PRO A 14 -8.94 31.46 -6.34
N GLU A 15 -8.51 32.70 -6.17
CA GLU A 15 -7.45 33.01 -5.23
C GLU A 15 -7.85 32.54 -3.84
N VAL A 16 -6.91 32.00 -3.09
CA VAL A 16 -7.21 31.49 -1.76
C VAL A 16 -6.59 32.39 -0.70
N ALA A 17 -7.15 32.31 0.50
CA ALA A 17 -6.68 33.10 1.62
C ALA A 17 -5.19 32.87 1.86
N PRO A 18 -4.48 33.90 2.33
CA PRO A 18 -3.03 33.76 2.50
C PRO A 18 -2.57 32.72 3.52
N ASP A 19 -3.43 32.26 4.44
CA ASP A 19 -2.98 31.29 5.43
C ASP A 19 -3.02 29.85 4.91
N ILE A 20 -3.61 29.62 3.74
CA ILE A 20 -3.83 28.24 3.29
C ILE A 20 -2.51 27.60 2.85
N LEU A 21 -1.79 28.21 1.92
CA LEU A 21 -0.56 27.56 1.47
C LEU A 21 0.45 27.33 2.60
N PRO A 22 0.67 28.27 3.54
CA PRO A 22 1.63 27.99 4.61
C PRO A 22 1.19 26.87 5.53
N SER A 23 -0.11 26.61 5.62
CA SER A 23 -0.58 25.63 6.58
C SER A 23 -0.12 24.23 6.23
N TYR A 24 0.27 24.00 4.97
CA TYR A 24 0.71 22.66 4.61
C TYR A 24 2.02 22.31 5.29
N ASP A 25 2.81 23.32 5.69
CA ASP A 25 4.04 23.06 6.41
C ASP A 25 3.78 22.54 7.80
N ARG A 26 2.56 22.67 8.33
CA ARG A 26 2.21 22.26 9.68
C ARG A 26 1.32 21.02 9.69
N CYS A 27 1.29 20.27 8.60
CA CYS A 27 0.55 19.02 8.58
C CYS A 27 1.45 17.87 9.05
N PRO A 28 1.06 17.14 10.10
CA PRO A 28 1.86 16.00 10.56
C PRO A 28 1.91 14.87 9.55
N VAL A 29 2.94 14.02 9.67
CA VAL A 29 3.05 12.84 8.80
C VAL A 29 1.80 11.96 8.94
N ASP A 30 1.38 11.40 7.81
CA ASP A 30 0.30 10.41 7.78
C ASP A 30 0.88 9.07 8.20
N ASP A 31 0.48 8.56 9.38
CA ASP A 31 1.07 7.32 9.88
C ASP A 31 0.55 6.09 9.16
N TYR A 32 -0.45 6.22 8.30
CA TYR A 32 -1.15 5.07 7.79
C TYR A 32 -1.00 4.84 6.30
N MET A 33 -0.67 5.87 5.55
CA MET A 33 -0.55 5.78 4.11
CA MET A 33 -0.57 5.81 4.11
C MET A 33 0.66 6.56 3.64
N GLY A 34 1.23 6.06 2.57
CA GLY A 34 2.30 6.73 1.85
C GLY A 34 3.68 6.47 2.38
N ASN A 35 3.82 5.63 3.40
CA ASN A 35 5.13 5.20 3.88
C ASN A 35 6.11 6.37 4.10
N GLY A 36 5.59 7.37 4.80
CA GLY A 36 6.38 8.50 5.22
C GLY A 36 6.46 9.63 4.22
N THR A 37 5.89 9.47 3.02
CA THR A 37 5.90 10.53 2.00
C THR A 37 4.71 11.47 2.09
N ARG A 38 3.74 11.19 2.94
CA ARG A 38 2.48 11.92 2.98
C ARG A 38 2.26 12.58 4.35
N PHE A 39 1.64 13.76 4.34
CA PHE A 39 1.34 14.55 5.51
C PHE A 39 -0.10 14.98 5.38
N LYS A 40 -0.84 14.98 6.47
CA LYS A 40 -2.30 15.07 6.37
C LYS A 40 -2.91 15.77 7.59
N ARG A 41 -3.97 16.55 7.35
CA ARG A 41 -4.96 16.86 8.36
C ARG A 41 -6.34 16.52 7.79
N PHE A 42 -7.33 16.39 8.68
CA PHE A 42 -8.62 15.82 8.28
C PHE A 42 -9.74 16.45 9.08
N SER A 43 -10.80 16.86 8.41
CA SER A 43 -11.99 17.37 9.09
CA SER A 43 -11.99 17.37 9.09
C SER A 43 -13.22 16.97 8.31
N GLN A 44 -14.37 17.00 9.00
CA GLN A 44 -15.62 16.61 8.40
C GLN A 44 -16.67 17.68 8.66
N TYR A 45 -17.55 17.88 7.69
CA TYR A 45 -18.54 18.94 7.78
C TYR A 45 -19.92 18.43 7.39
N LYS A 46 -20.94 19.04 8.01
CA LYS A 46 -22.30 18.98 7.51
C LYS A 46 -22.51 20.13 6.54
N LEU A 47 -23.15 19.83 5.41
CA LEU A 47 -23.28 20.76 4.30
C LEU A 47 -24.77 20.93 3.97
N THR A 48 -25.30 22.15 4.16
CA THR A 48 -26.75 22.31 4.01
C THR A 48 -27.08 23.47 3.08
N PRO A 49 -28.12 23.34 2.27
CA PRO A 49 -28.49 24.45 1.38
C PRO A 49 -29.00 25.64 2.17
N ALA A 50 -28.60 26.83 1.74
CA ALA A 50 -28.94 28.08 2.41
C ALA A 50 -29.70 28.97 1.43
N GLU A 51 -30.57 29.83 1.97
CA GLU A 51 -31.40 30.70 1.13
C GLU A 51 -30.50 31.62 0.31
N ASP A 52 -31.05 32.22 -0.76
CA ASP A 52 -30.29 32.95 -1.76
C ASP A 52 -29.34 32.03 -2.52
N ASP A 53 -29.69 30.73 -2.52
CA ASP A 53 -29.08 29.73 -3.40
C ASP A 53 -27.60 29.51 -3.09
N THR A 54 -27.27 29.49 -1.81
CA THR A 54 -25.92 29.23 -1.33
C THR A 54 -25.93 27.98 -0.45
N TRP A 55 -24.78 27.71 0.16
CA TRP A 55 -24.62 26.58 1.08
C TRP A 55 -23.91 27.03 2.34
N SER A 56 -24.27 26.38 3.43
CA SER A 56 -23.71 26.60 4.76
C SER A 56 -22.94 25.37 5.21
N PHE A 57 -21.81 25.60 5.86
CA PHE A 57 -20.93 24.54 6.34
C PHE A 57 -20.90 24.53 7.86
N LYS A 58 -20.99 23.33 8.46
CA LYS A 58 -20.86 23.18 9.90
C LYS A 58 -19.82 22.11 10.19
N ARG A 59 -18.74 22.49 10.87
CA ARG A 59 -17.71 21.50 11.17
C ARG A 59 -18.26 20.53 12.23
N LEU A 60 -18.11 19.24 11.98
CA LEU A 60 -18.59 18.20 12.89
C LEU A 60 -17.52 17.87 13.93
N PRO A 61 -17.95 17.36 15.10
CA PRO A 61 -16.99 16.95 16.13
C PRO A 61 -15.95 16.01 15.55
N HIS A 62 -14.71 16.23 15.95
CA HIS A 62 -13.60 15.53 15.34
C HIS A 62 -13.61 14.05 15.68
N ARG A 63 -13.54 13.21 14.63
CA ARG A 63 -13.53 11.76 14.76
C ARG A 63 -12.43 11.17 13.87
N ASP A 64 -11.97 9.98 14.27
CA ASP A 64 -11.02 9.22 13.45
C ASP A 64 -11.63 8.98 12.08
N TYR A 65 -10.77 8.95 11.06
CA TYR A 65 -11.22 8.62 9.70
C TYR A 65 -11.32 7.11 9.58
N THR A 66 -12.42 6.63 9.01
CA THR A 66 -12.58 5.20 8.74
C THR A 66 -13.12 5.05 7.32
N THR A 67 -12.50 4.14 6.55
CA THR A 67 -13.06 3.79 5.26
C THR A 67 -13.07 2.26 5.12
N TYR A 68 -13.62 1.78 4.02
CA TYR A 68 -13.84 0.35 3.80
C TYR A 68 -12.70 -0.25 3.01
N LYS A 69 -12.31 -1.49 3.36
CA LYS A 69 -11.32 -2.19 2.56
C LYS A 69 -11.78 -2.41 1.14
N LYS A 70 -13.09 -2.52 0.91
CA LYS A 70 -13.57 -2.76 -0.43
C LYS A 70 -13.34 -1.57 -1.36
N PHE A 71 -13.13 -0.36 -0.83
CA PHE A 71 -12.75 0.78 -1.66
C PHE A 71 -11.26 1.07 -1.59
N ASN A 72 -10.66 0.87 -0.41
CA ASN A 72 -9.27 1.22 -0.16
C ASN A 72 -8.62 0.04 0.54
N PRO A 73 -7.98 -0.85 -0.21
CA PRO A 73 -7.43 -2.07 0.41
C PRO A 73 -6.20 -1.80 1.25
N VAL A 74 -5.54 -0.67 1.07
N VAL A 74 -5.52 -0.67 1.08
CA VAL A 74 -4.33 -0.38 1.84
CA VAL A 74 -4.30 -0.42 1.86
C VAL A 74 -4.65 0.34 3.14
C VAL A 74 -4.53 0.49 3.06
N GLY A 75 -5.63 1.25 3.09
CA GLY A 75 -5.91 2.11 4.23
C GLY A 75 -7.29 1.96 4.80
N GLY A 76 -8.01 0.90 4.40
CA GLY A 76 -9.36 0.66 4.88
C GLY A 76 -9.40 -0.28 6.07
N GLY A 77 -10.55 -0.29 6.72
CA GLY A 77 -10.77 -1.23 7.80
C GLY A 77 -10.10 -0.87 9.10
N ILE A 78 -9.57 0.34 9.25
CA ILE A 78 -8.87 0.71 10.46
C ILE A 78 -9.23 2.14 10.89
N ARG A 79 -9.11 2.39 12.19
N ARG A 79 -9.07 2.39 12.19
CA ARG A 79 -9.29 3.75 12.70
CA ARG A 79 -9.26 3.75 12.72
C ARG A 79 -8.03 4.56 12.43
C ARG A 79 -8.02 4.58 12.46
N ARG A 80 -8.16 5.66 11.70
CA ARG A 80 -7.01 6.49 11.30
C ARG A 80 -7.12 7.81 12.05
N VAL A 81 -6.19 8.03 12.99
CA VAL A 81 -6.25 9.14 13.93
C VAL A 81 -5.48 10.29 13.31
N TYR A 82 -6.20 11.35 12.90
CA TYR A 82 -5.61 12.51 12.23
C TYR A 82 -5.91 13.78 13.03
N GLU A 83 -5.06 14.75 12.87
CA GLU A 83 -5.33 16.05 13.46
C GLU A 83 -6.30 16.83 12.59
N PRO A 84 -7.09 17.72 13.19
CA PRO A 84 -8.01 18.55 12.41
C PRO A 84 -7.31 19.56 11.51
N ILE A 85 -8.02 19.92 10.45
CA ILE A 85 -7.60 21.01 9.57
C ILE A 85 -7.70 22.33 10.30
N GLU A 86 -6.66 23.16 10.17
CA GLU A 86 -6.62 24.44 10.89
C GLU A 86 -7.20 25.58 10.11
N VAL A 87 -7.13 25.52 8.78
CA VAL A 87 -7.56 26.61 7.92
C VAL A 87 -8.97 26.32 7.39
N ASP A 88 -9.50 27.25 6.59
CA ASP A 88 -10.89 27.21 6.13
C ASP A 88 -10.91 26.96 4.63
N PHE A 89 -11.19 25.72 4.24
CA PHE A 89 -11.30 25.40 2.83
C PHE A 89 -12.70 25.63 2.28
N THR A 90 -13.63 26.13 3.12
CA THR A 90 -15.01 26.11 2.62
C THR A 90 -15.25 27.08 1.46
N PRO A 91 -14.54 28.23 1.34
CA PRO A 91 -14.66 29.01 0.07
C PRO A 91 -14.27 28.22 -1.18
N LEU A 92 -13.18 27.47 -1.11
CA LEU A 92 -12.75 26.70 -2.28
C LEU A 92 -13.77 25.60 -2.58
N ILE A 93 -14.29 24.98 -1.53
CA ILE A 93 -15.23 23.89 -1.73
C ILE A 93 -16.52 24.41 -2.35
N SER A 94 -16.91 25.64 -1.99
CA SER A 94 -18.11 26.22 -2.58
C SER A 94 -18.00 26.34 -4.09
N GLU A 95 -16.78 26.59 -4.61
CA GLU A 95 -16.59 26.65 -6.06
C GLU A 95 -16.89 25.30 -6.69
N GLY A 96 -16.50 24.20 -6.03
CA GLY A 96 -16.83 22.89 -6.57
C GLY A 96 -18.30 22.58 -6.49
N ILE A 97 -18.96 22.98 -5.40
CA ILE A 97 -20.39 22.74 -5.22
C ILE A 97 -21.18 23.39 -6.34
N ARG A 98 -20.81 24.63 -6.68
CA ARG A 98 -21.51 25.35 -7.73
C ARG A 98 -21.47 24.59 -9.05
N GLU A 99 -20.35 23.93 -9.34
CA GLU A 99 -20.18 23.21 -10.58
C GLU A 99 -20.84 21.83 -10.54
N LEU A 100 -20.89 21.22 -9.36
CA LEU A 100 -21.58 19.95 -9.20
C LEU A 100 -23.08 20.11 -9.34
N GLY A 101 -23.61 21.27 -8.97
CA GLY A 101 -25.05 21.40 -8.88
C GLY A 101 -25.58 20.41 -7.87
N LEU A 102 -25.03 20.43 -6.66
CA LEU A 102 -25.43 19.45 -5.66
C LEU A 102 -26.92 19.59 -5.38
N ASP A 103 -27.59 18.47 -5.33
CA ASP A 103 -29.01 18.41 -5.05
C ASP A 103 -29.33 19.11 -3.73
N ARG A 104 -30.15 20.15 -3.80
CA ARG A 104 -30.50 20.93 -2.62
C ARG A 104 -31.65 20.33 -1.84
N SER A 105 -32.20 19.20 -2.28
N SER A 105 -32.19 19.18 -2.27
CA SER A 105 -33.37 18.65 -1.61
CA SER A 105 -33.37 18.60 -1.64
C SER A 105 -33.05 17.96 -0.29
C SER A 105 -33.05 17.78 -0.39
N GLU A 106 -31.79 17.68 -0.01
CA GLU A 106 -31.43 17.04 1.25
C GLU A 106 -30.05 17.51 1.64
N PRO A 107 -29.69 17.38 2.92
CA PRO A 107 -28.36 17.80 3.37
C PRO A 107 -27.28 16.79 2.97
N TRP A 108 -26.03 17.26 2.99
CA TRP A 108 -24.86 16.47 2.60
C TRP A 108 -23.84 16.47 3.74
N GLN A 109 -22.85 15.58 3.59
CA GLN A 109 -21.79 15.44 4.56
C GLN A 109 -20.51 15.30 3.75
N ILE A 110 -19.48 16.05 4.12
CA ILE A 110 -18.21 15.98 3.39
C ILE A 110 -17.07 15.56 4.31
N ASN A 111 -16.17 14.77 3.74
CA ASN A 111 -14.86 14.47 4.30
C ASN A 111 -13.87 15.39 3.59
N VAL A 112 -13.00 16.04 4.36
CA VAL A 112 -12.03 16.96 3.79
C VAL A 112 -10.66 16.50 4.24
N HIS A 113 -9.81 16.19 3.25
CA HIS A 113 -8.44 15.71 3.47
C HIS A 113 -7.47 16.74 2.96
N GLN A 114 -6.69 17.33 3.86
CA GLN A 114 -5.63 18.24 3.47
C GLN A 114 -4.34 17.43 3.40
N ASN A 115 -3.83 17.24 2.18
CA ASN A 115 -2.68 16.34 1.95
C ASN A 115 -1.49 17.05 1.34
N ARG A 116 -0.29 16.72 1.83
CA ARG A 116 0.97 17.00 1.14
C ARG A 116 1.63 15.67 0.85
N THR A 117 2.05 15.48 -0.40
CA THR A 117 2.92 14.35 -0.77
C THR A 117 4.27 14.92 -1.20
N ARG A 118 5.32 14.38 -0.62
CA ARG A 118 6.69 14.75 -0.94
C ARG A 118 7.31 13.76 -1.92
N ALA A 119 8.13 14.28 -2.83
CA ALA A 119 8.98 13.47 -3.70
C ALA A 119 10.44 13.90 -3.51
N ASP A 120 11.34 12.96 -3.76
CA ASP A 120 12.77 13.27 -3.75
C ASP A 120 13.44 12.41 -4.81
N GLY A 121 14.69 12.76 -5.16
CA GLY A 121 15.39 11.89 -6.08
C GLY A 121 15.42 10.44 -5.61
N GLY A 122 15.00 9.55 -6.49
CA GLY A 122 14.95 8.14 -6.20
C GLY A 122 13.76 7.69 -5.38
N ARG A 123 12.96 8.62 -4.87
CA ARG A 123 11.79 8.25 -4.06
C ARG A 123 10.57 9.04 -4.51
N PRO A 124 9.80 8.48 -5.44
CA PRO A 124 8.54 9.11 -5.83
C PRO A 124 7.57 9.16 -4.65
N GLY A 125 6.59 10.04 -4.77
CA GLY A 125 5.56 10.15 -3.78
C GLY A 125 4.29 9.51 -4.29
N PRO A 126 3.89 8.39 -3.72
CA PRO A 126 2.71 7.71 -4.27
C PRO A 126 1.45 8.47 -3.91
N LEU A 127 0.53 8.52 -4.86
CA LEU A 127 -0.71 9.25 -4.63
C LEU A 127 -1.92 8.34 -4.52
N THR A 128 -1.95 7.24 -5.28
CA THR A 128 -3.05 6.26 -5.22
C THR A 128 -2.46 4.86 -5.08
N PRO A 129 -1.92 4.52 -3.92
CA PRO A 129 -1.52 3.13 -3.68
C PRO A 129 -2.68 2.15 -3.72
N GLU A 130 -3.92 2.64 -3.58
CA GLU A 130 -5.12 1.86 -3.82
C GLU A 130 -5.19 1.30 -5.24
N GLY A 131 -4.44 1.88 -6.17
CA GLY A 131 -4.60 1.59 -7.59
C GLY A 131 -5.83 2.31 -8.13
N VAL A 132 -6.33 1.83 -9.28
CA VAL A 132 -7.57 2.36 -9.85
C VAL A 132 -8.71 2.05 -8.91
N HIS A 133 -9.44 3.08 -8.48
CA HIS A 133 -10.42 2.85 -7.41
C HIS A 133 -11.59 3.81 -7.54
N HIS A 134 -12.67 3.43 -6.85
CA HIS A 134 -13.71 4.37 -6.41
C HIS A 134 -13.47 4.73 -4.95
N ASP A 135 -13.69 6.00 -4.59
CA ASP A 135 -13.60 6.37 -3.16
C ASP A 135 -14.74 5.81 -2.32
N GLY A 136 -15.87 5.50 -2.94
CA GLY A 136 -17.02 5.01 -2.24
C GLY A 136 -18.11 6.05 -2.03
N HIS A 137 -17.88 7.27 -2.43
CA HIS A 137 -18.82 8.36 -2.23
C HIS A 137 -19.58 8.63 -3.53
N GLU A 138 -20.40 9.67 -3.51
CA GLU A 138 -21.16 10.03 -4.69
C GLU A 138 -20.37 10.95 -5.60
N PHE A 139 -19.74 11.98 -5.04
CA PHE A 139 -18.90 12.89 -5.80
C PHE A 139 -17.60 13.10 -5.04
N VAL A 140 -16.55 13.43 -5.79
CA VAL A 140 -15.23 13.74 -5.27
C VAL A 140 -14.72 15.00 -5.95
N MET A 141 -14.14 15.90 -5.15
CA MET A 141 -13.42 17.05 -5.66
C MET A 141 -11.96 16.94 -5.22
N ILE A 142 -11.03 17.06 -6.16
CA ILE A 142 -9.60 17.07 -5.84
C ILE A 142 -9.04 18.39 -6.34
N ALA A 143 -8.54 19.22 -5.42
CA ALA A 143 -8.07 20.56 -5.76
C ALA A 143 -6.57 20.62 -5.51
N ILE A 144 -5.81 21.19 -6.46
CA ILE A 144 -4.37 21.35 -6.31
C ILE A 144 -4.09 22.77 -5.82
N LEU A 145 -3.48 22.89 -4.65
CA LEU A 145 -3.13 24.18 -4.08
C LEU A 145 -1.72 24.65 -4.40
N ASN A 146 -0.75 23.74 -4.47
CA ASN A 146 0.63 24.16 -4.66
C ASN A 146 1.41 22.96 -5.16
N LYS A 147 2.25 23.21 -6.16
CA LYS A 147 3.21 22.21 -6.62
C LYS A 147 4.56 22.87 -6.68
N VAL A 148 5.54 22.25 -6.05
CA VAL A 148 6.89 22.82 -6.02
C VAL A 148 7.85 21.73 -6.45
N ASN A 149 8.55 21.95 -7.58
CA ASN A 149 9.65 21.08 -8.04
C ASN A 149 9.21 19.63 -8.23
N VAL A 150 8.00 19.42 -8.77
CA VAL A 150 7.55 18.07 -9.02
C VAL A 150 7.12 17.91 -10.47
N ALA A 151 7.18 16.68 -10.93
CA ALA A 151 6.62 16.22 -12.18
C ALA A 151 5.69 15.03 -11.85
N GLY A 152 5.18 14.37 -12.89
CA GLY A 152 4.24 13.27 -12.64
C GLY A 152 2.94 13.80 -12.03
N GLY A 153 2.28 12.95 -11.24
CA GLY A 153 1.01 13.34 -10.64
C GLY A 153 -0.06 13.58 -11.69
N THR A 154 -0.19 12.65 -12.62
CA THR A 154 -1.16 12.74 -13.69
C THR A 154 -2.40 11.94 -13.30
N THR A 155 -3.53 12.63 -13.25
CA THR A 155 -4.83 12.02 -12.99
C THR A 155 -5.30 11.23 -14.21
N ARG A 156 -5.80 10.01 -13.97
CA ARG A 156 -6.32 9.17 -15.04
C ARG A 156 -7.72 8.71 -14.63
N LEU A 157 -8.68 8.86 -15.55
CA LEU A 157 -10.05 8.47 -15.26
C LEU A 157 -10.42 7.26 -16.11
N TRP A 158 -11.17 6.34 -15.52
CA TRP A 158 -11.38 5.01 -16.08
C TRP A 158 -12.86 4.68 -16.05
N LYS A 159 -13.36 4.11 -17.14
CA LYS A 159 -14.68 3.53 -17.07
C LYS A 159 -14.62 2.26 -16.22
N PRO A 160 -15.72 1.90 -15.55
CA PRO A 160 -15.66 0.73 -14.67
C PRO A 160 -15.22 -0.52 -15.43
N GLY A 161 -14.22 -1.20 -14.88
CA GLY A 161 -13.70 -2.42 -15.46
C GLY A 161 -12.79 -2.27 -16.65
N ALA A 162 -12.54 -1.05 -17.15
CA ALA A 162 -11.73 -0.86 -18.35
C ALA A 162 -10.26 -1.17 -18.09
N ASP A 163 -9.53 -1.52 -19.15
CA ASP A 163 -8.13 -1.83 -18.95
C ASP A 163 -7.22 -0.66 -19.33
N ALA A 164 -7.79 0.45 -19.75
CA ALA A 164 -7.03 1.66 -20.02
C ALA A 164 -7.91 2.85 -19.66
N PRO A 165 -7.31 3.97 -19.26
CA PRO A 165 -8.12 5.16 -18.96
C PRO A 165 -8.65 5.81 -20.22
N PHE A 166 -9.77 6.53 -20.08
CA PHE A 166 -10.29 7.26 -21.23
C PHE A 166 -9.91 8.73 -21.23
N TRP A 167 -9.42 9.24 -20.11
CA TRP A 167 -8.95 10.63 -20.02
C TRP A 167 -7.77 10.67 -19.07
N SER A 168 -6.77 11.51 -19.40
CA SER A 168 -5.61 11.70 -18.56
C SER A 168 -5.29 13.17 -18.58
N GLY A 169 -4.85 13.70 -17.44
CA GLY A 169 -4.43 15.10 -17.41
C GLY A 169 -3.71 15.37 -16.12
N THR A 170 -2.70 16.21 -16.17
CA THR A 170 -1.94 16.59 -14.99
C THR A 170 -2.52 17.88 -14.45
N LEU A 171 -3.21 17.79 -13.32
CA LEU A 171 -3.77 18.99 -12.73
C LEU A 171 -2.65 19.85 -12.15
N GLU A 172 -2.72 21.15 -12.42
CA GLU A 172 -1.73 22.09 -11.91
C GLU A 172 -2.30 22.88 -10.73
N ALA A 173 -1.40 23.57 -10.00
CA ALA A 173 -1.83 24.44 -8.91
C ALA A 173 -2.87 25.42 -9.40
N GLY A 174 -3.97 25.55 -8.65
CA GLY A 174 -5.09 26.39 -9.09
C GLY A 174 -6.15 25.68 -9.91
N GLN A 175 -6.06 24.37 -10.10
CA GLN A 175 -7.08 23.59 -10.80
C GLN A 175 -7.68 22.56 -9.85
N ALA A 176 -8.90 22.14 -10.17
CA ALA A 176 -9.55 21.06 -9.44
C ALA A 176 -10.32 20.20 -10.42
N VAL A 177 -10.42 18.90 -10.10
CA VAL A 177 -11.31 18.02 -10.86
C VAL A 177 -12.49 17.61 -9.98
N LEU A 178 -13.67 17.64 -10.56
CA LEU A 178 -14.90 17.17 -9.94
C LEU A 178 -15.29 15.87 -10.64
N LEU A 179 -15.60 14.82 -9.90
N LEU A 179 -15.63 14.84 -9.86
CA LEU A 179 -15.89 13.58 -10.60
CA LEU A 179 -15.82 13.47 -10.36
C LEU A 179 -17.04 12.82 -9.96
C LEU A 179 -17.15 12.87 -9.92
N ASP A 180 -17.79 12.16 -10.83
CA ASP A 180 -18.82 11.22 -10.46
C ASP A 180 -18.13 9.97 -9.96
N ASP A 181 -18.07 9.81 -8.64
CA ASP A 181 -17.24 8.77 -8.06
C ASP A 181 -17.87 7.38 -8.14
N ARG A 182 -19.13 7.29 -8.59
CA ARG A 182 -19.78 6.01 -8.84
C ARG A 182 -19.61 5.57 -10.29
N GLY A 183 -19.72 6.50 -11.23
CA GLY A 183 -19.72 6.12 -12.64
C GLY A 183 -18.33 5.95 -13.22
N LEU A 184 -17.33 6.52 -12.58
CA LEU A 184 -15.95 6.48 -13.05
C LEU A 184 -15.07 6.01 -11.90
N ALA A 185 -13.91 5.46 -12.24
CA ALA A 185 -12.85 5.19 -11.28
C ALA A 185 -11.65 6.07 -11.62
N HIS A 186 -10.72 6.18 -10.68
CA HIS A 186 -9.59 7.07 -10.93
C HIS A 186 -8.33 6.50 -10.31
N ASP A 187 -7.20 6.95 -10.86
CA ASP A 187 -5.94 6.82 -10.14
C ASP A 187 -5.09 7.99 -10.56
N VAL A 188 -3.93 8.13 -9.92
CA VAL A 188 -3.01 9.22 -10.22
C VAL A 188 -1.59 8.66 -10.23
N THR A 189 -0.80 9.04 -11.24
CA THR A 189 0.59 8.56 -11.23
C THR A 189 1.40 9.25 -10.13
N ASP A 190 2.48 8.59 -9.71
CA ASP A 190 3.30 9.08 -8.61
C ASP A 190 3.83 10.50 -8.89
N VAL A 191 3.99 11.25 -7.82
CA VAL A 191 4.70 12.53 -7.84
C VAL A 191 6.18 12.24 -7.98
N LEU A 192 6.84 12.89 -8.93
CA LEU A 192 8.27 12.71 -9.14
C LEU A 192 9.01 14.00 -8.84
N SER A 193 10.25 13.87 -8.37
CA SER A 193 11.13 15.03 -8.27
C SER A 193 11.43 15.58 -9.67
N ALA A 194 11.29 16.90 -9.85
CA ALA A 194 11.52 17.46 -11.17
C ALA A 194 12.99 17.54 -11.52
N ASP A 195 13.87 17.63 -10.51
CA ASP A 195 15.28 17.83 -10.80
C ASP A 195 16.22 16.96 -9.96
N GLY A 196 15.71 15.99 -9.21
CA GLY A 196 16.53 15.17 -8.35
C GLY A 196 16.49 15.57 -6.89
N GLY A 197 16.00 16.78 -6.59
CA GLY A 197 15.90 17.27 -5.24
C GLY A 197 14.47 17.16 -4.71
N PRO A 198 14.27 17.61 -3.47
CA PRO A 198 12.92 17.53 -2.86
C PRO A 198 11.90 18.39 -3.58
N GLY A 199 10.68 17.88 -3.64
CA GLY A 199 9.56 18.60 -4.22
C GLY A 199 8.32 18.14 -3.47
N HIS A 200 7.22 18.87 -3.69
CA HIS A 200 6.00 18.46 -3.01
C HIS A 200 4.76 18.93 -3.77
N ARG A 201 3.64 18.28 -3.46
CA ARG A 201 2.37 18.56 -4.09
C ARG A 201 1.33 18.66 -2.99
N ASP A 202 0.68 19.82 -2.88
CA ASP A 202 -0.23 20.14 -1.80
C ASP A 202 -1.65 20.20 -2.35
N ILE A 203 -2.57 19.38 -1.80
CA ILE A 203 -3.91 19.22 -2.37
C ILE A 203 -4.95 19.21 -1.25
N VAL A 204 -6.21 19.30 -1.65
CA VAL A 204 -7.30 19.01 -0.74
C VAL A 204 -8.26 18.10 -1.49
N ILE A 205 -8.72 17.04 -0.84
CA ILE A 205 -9.69 16.12 -1.41
C ILE A 205 -10.98 16.25 -0.61
N ILE A 206 -12.09 16.41 -1.32
CA ILE A 206 -13.38 16.55 -0.66
C ILE A 206 -14.29 15.46 -1.19
N ALA A 207 -14.77 14.62 -0.30
CA ALA A 207 -15.64 13.51 -0.69
C ALA A 207 -17.05 13.84 -0.22
N PHE A 208 -18.01 13.76 -1.14
CA PHE A 208 -19.40 14.19 -0.90
C PHE A 208 -20.33 12.98 -0.79
N SER A 209 -21.08 12.94 0.29
CA SER A 209 -22.16 11.97 0.45
C SER A 209 -23.40 12.66 1.01
N ARG A 210 -24.56 12.12 0.63
CA ARG A 210 -25.78 12.63 1.25
C ARG A 210 -25.75 12.33 2.74
N TRP A 211 -26.33 13.23 3.55
CA TRP A 211 -26.35 12.98 4.98
C TRP A 211 -26.96 11.61 5.31
N ALA A 212 -27.98 11.18 4.54
CA ALA A 212 -28.60 9.88 4.74
C ALA A 212 -27.63 8.72 4.52
N GLU A 213 -26.52 8.97 3.82
CA GLU A 213 -25.47 7.98 3.54
C GLU A 213 -24.13 8.42 4.11
N LYS A 214 -24.14 9.18 5.21
CA LYS A 214 -22.92 9.87 5.63
C LYS A 214 -21.82 8.90 6.08
N TRP A 215 -20.59 9.37 5.91
CA TRP A 215 -19.41 8.63 6.34
C TRP A 215 -18.93 9.14 7.68
N TYR A 216 -19.84 9.16 8.65
CA TYR A 216 -19.58 9.85 9.91
C TYR A 216 -20.42 9.20 10.99
N GLY A 217 -19.83 8.89 12.13
CA GLY A 217 -20.59 8.41 13.27
C GLY A 217 -20.43 6.92 13.53
N ASP A 218 -21.15 6.46 14.55
CA ASP A 218 -20.93 5.11 15.09
C ASP A 218 -21.29 4.02 14.09
N GLU A 219 -22.42 4.16 13.42
CA GLU A 219 -22.88 3.16 12.46
C GLU A 219 -21.91 3.05 11.29
N HIS A 220 -21.50 4.20 10.73
CA HIS A 220 -20.50 4.18 9.66
C HIS A 220 -19.25 3.48 10.12
N ASP A 221 -18.73 3.86 11.29
CA ASP A 221 -17.48 3.27 11.76
C ASP A 221 -17.60 1.77 11.89
N ALA A 222 -18.72 1.29 12.44
CA ALA A 222 -18.88 -0.14 12.66
C ALA A 222 -18.88 -0.88 11.35
N ALA A 223 -19.53 -0.30 10.34
CA ALA A 223 -19.57 -0.93 9.01
C ALA A 223 -18.20 -0.92 8.35
N ALA A 224 -17.49 0.21 8.43
CA ALA A 224 -16.19 0.27 7.76
C ALA A 224 -15.16 -0.63 8.43
N LEU A 225 -15.24 -0.79 9.76
CA LEU A 225 -14.32 -1.61 10.54
C LEU A 225 -14.74 -3.07 10.57
N GLU A 226 -15.90 -3.39 9.99
CA GLU A 226 -16.45 -4.74 9.90
C GLU A 226 -16.70 -5.34 11.28
N GLU A 227 -17.05 -4.48 12.23
CA GLU A 227 -17.34 -4.89 13.59
C GLU A 227 -18.74 -5.49 13.73
N PRO B 2 9.01 -33.39 -5.21
CA PRO B 2 8.88 -31.92 -5.18
C PRO B 2 7.58 -31.45 -4.53
N LEU B 3 7.01 -30.36 -5.02
CA LEU B 3 5.82 -29.79 -4.37
C LEU B 3 4.62 -30.71 -4.47
N GLY B 4 3.70 -30.59 -3.52
CA GLY B 4 2.42 -31.26 -3.61
C GLY B 4 1.68 -31.03 -4.93
N THR B 5 0.68 -31.87 -5.25
CA THR B 5 0.05 -31.77 -6.56
C THR B 5 -0.69 -30.47 -6.76
N GLU B 6 -1.08 -29.78 -5.68
CA GLU B 6 -1.77 -28.52 -5.76
C GLU B 6 -0.82 -27.33 -5.80
N GLY B 7 0.48 -27.59 -5.82
CA GLY B 7 1.43 -26.52 -6.04
C GLY B 7 2.01 -25.92 -4.80
N PHE B 8 1.80 -26.55 -3.65
CA PHE B 8 2.40 -26.07 -2.41
C PHE B 8 2.62 -27.25 -1.48
N THR B 9 3.50 -27.05 -0.51
CA THR B 9 3.77 -28.01 0.56
CA THR B 9 3.63 -27.99 0.60
C THR B 9 3.97 -27.21 1.85
N VAL B 10 3.44 -27.69 2.97
CA VAL B 10 3.75 -27.11 4.26
C VAL B 10 4.67 -28.09 4.97
N ILE B 11 5.76 -27.57 5.54
CA ILE B 11 6.74 -28.40 6.22
C ILE B 11 7.01 -27.88 7.63
N ASP B 12 7.53 -28.78 8.46
CA ASP B 12 8.10 -28.42 9.75
C ASP B 12 9.55 -28.01 9.61
N LEU B 13 9.93 -27.06 10.36
CA LEU B 13 11.31 -26.61 10.33
C LEU B 13 12.13 -27.24 11.46
N PRO B 14 13.42 -27.45 11.17
CA PRO B 14 14.34 -27.88 12.21
C PRO B 14 14.55 -26.76 13.22
N GLU B 15 15.10 -27.16 14.37
CA GLU B 15 15.59 -26.20 15.35
C GLU B 15 16.56 -25.24 14.69
N VAL B 16 16.50 -23.96 15.09
CA VAL B 16 17.38 -22.97 14.49
C VAL B 16 18.42 -22.57 15.53
N ALA B 17 19.49 -21.98 15.02
CA ALA B 17 20.61 -21.57 15.87
C ALA B 17 20.18 -20.45 16.81
N PRO B 18 20.82 -20.33 17.98
CA PRO B 18 20.36 -19.37 19.00
C PRO B 18 20.49 -17.90 18.63
N ASP B 19 21.21 -17.55 17.55
CA ASP B 19 21.23 -16.16 17.17
C ASP B 19 20.07 -15.74 16.27
N ILE B 20 19.23 -16.66 15.78
CA ILE B 20 18.24 -16.28 14.76
C ILE B 20 17.11 -15.45 15.37
N LEU B 21 16.44 -15.96 16.39
CA LEU B 21 15.29 -15.25 16.92
C LEU B 21 15.66 -13.89 17.49
N PRO B 22 16.76 -13.74 18.23
CA PRO B 22 17.11 -12.42 18.73
C PRO B 22 17.41 -11.40 17.66
N SER B 23 17.87 -11.85 16.49
CA SER B 23 18.28 -10.91 15.44
C SER B 23 17.10 -10.08 14.95
N TYR B 24 15.88 -10.54 15.19
CA TYR B 24 14.75 -9.77 14.69
C TYR B 24 14.61 -8.46 15.44
N ASP B 25 15.11 -8.41 16.68
CA ASP B 25 15.03 -7.17 17.43
C ASP B 25 15.95 -6.11 16.86
N ARG B 26 16.85 -6.49 15.96
CA ARG B 26 17.82 -5.55 15.39
C ARG B 26 17.53 -5.25 13.93
N CYS B 27 16.32 -5.59 13.44
CA CYS B 27 15.92 -5.21 12.08
C CYS B 27 15.36 -3.79 12.08
N PRO B 28 15.89 -2.88 11.27
CA PRO B 28 15.38 -1.50 11.26
C PRO B 28 14.07 -1.41 10.50
N VAL B 29 13.37 -0.30 10.70
CA VAL B 29 12.06 -0.13 10.06
C VAL B 29 12.20 -0.15 8.54
N ASP B 30 11.20 -0.77 7.91
CA ASP B 30 11.07 -0.80 6.45
C ASP B 30 10.48 0.54 6.02
N ASP B 31 11.29 1.39 5.37
CA ASP B 31 10.79 2.71 5.05
C ASP B 31 9.83 2.71 3.87
N TYR B 32 9.64 1.57 3.20
CA TYR B 32 8.94 1.56 1.93
C TYR B 32 7.62 0.83 1.95
N MET B 33 7.44 -0.06 2.90
CA MET B 33 6.26 -0.94 2.99
CA MET B 33 6.21 -0.83 2.98
C MET B 33 5.80 -1.00 4.43
N GLY B 34 4.51 -1.08 4.63
CA GLY B 34 3.95 -1.38 5.94
C GLY B 34 3.63 -0.20 6.80
N ASN B 35 3.92 1.02 6.33
CA ASN B 35 3.58 2.25 7.05
C ASN B 35 3.98 2.20 8.53
N GLY B 36 5.26 1.82 8.76
CA GLY B 36 5.85 1.78 10.08
C GLY B 36 5.60 0.52 10.88
N THR B 37 4.84 -0.45 10.37
CA THR B 37 4.59 -1.69 11.09
C THR B 37 5.57 -2.80 10.74
N ARG B 38 6.46 -2.57 9.77
CA ARG B 38 7.33 -3.62 9.24
C ARG B 38 8.80 -3.25 9.45
N PHE B 39 9.61 -4.27 9.74
CA PHE B 39 11.03 -4.14 9.99
C PHE B 39 11.73 -5.20 9.17
N LYS B 40 12.89 -4.87 8.59
CA LYS B 40 13.41 -5.71 7.51
C LYS B 40 14.92 -5.66 7.41
N ARG B 41 15.52 -6.81 7.08
CA ARG B 41 16.85 -6.89 6.47
C ARG B 41 16.78 -7.76 5.23
N PHE B 42 17.77 -7.61 4.34
CA PHE B 42 17.67 -8.17 3.00
C PHE B 42 19.04 -8.60 2.52
N SER B 43 19.14 -9.84 2.01
CA SER B 43 20.38 -10.29 1.38
CA SER B 43 20.38 -10.31 1.40
C SER B 43 20.05 -11.19 0.22
N GLN B 44 21.03 -11.35 -0.69
CA GLN B 44 20.85 -12.14 -1.89
C GLN B 44 22.01 -13.11 -2.02
N TYR B 45 21.74 -14.26 -2.61
CA TYR B 45 22.73 -15.33 -2.67
C TYR B 45 22.69 -16.00 -4.03
N LYS B 46 23.85 -16.53 -4.46
CA LYS B 46 23.88 -17.52 -5.52
C LYS B 46 23.79 -18.92 -4.91
N LEU B 47 22.92 -19.75 -5.46
N LEU B 47 23.02 -19.80 -5.53
CA LEU B 47 22.82 -21.16 -5.10
CA LEU B 47 22.76 -21.16 -5.05
C LEU B 47 23.47 -21.98 -6.20
C LEU B 47 23.22 -22.17 -6.11
N THR B 48 24.29 -22.93 -5.80
CA THR B 48 24.88 -23.83 -6.77
C THR B 48 24.81 -25.28 -6.29
N PRO B 49 24.49 -26.21 -7.19
CA PRO B 49 24.54 -27.64 -6.83
C PRO B 49 25.96 -28.04 -6.48
N ALA B 50 26.10 -28.72 -5.36
CA ALA B 50 27.39 -29.19 -4.89
C ALA B 50 27.45 -30.69 -5.00
N GLU B 51 28.64 -31.22 -5.25
CA GLU B 51 28.80 -32.66 -5.27
C GLU B 51 28.41 -33.24 -3.90
N ASP B 52 28.07 -34.54 -3.90
CA ASP B 52 27.38 -35.22 -2.81
C ASP B 52 25.92 -34.84 -2.72
N ASP B 53 25.36 -34.32 -3.81
CA ASP B 53 23.94 -33.93 -3.90
C ASP B 53 23.54 -32.95 -2.81
N THR B 54 24.38 -31.97 -2.56
CA THR B 54 24.10 -30.88 -1.64
C THR B 54 24.04 -29.58 -2.45
N TRP B 55 23.93 -28.45 -1.73
CA TRP B 55 23.86 -27.14 -2.36
C TRP B 55 24.81 -26.19 -1.65
N SER B 56 25.45 -25.32 -2.43
CA SER B 56 26.39 -24.33 -1.94
C SER B 56 25.76 -22.94 -2.02
N PHE B 57 25.94 -22.14 -0.96
CA PHE B 57 25.39 -20.79 -0.91
C PHE B 57 26.53 -19.78 -0.95
N LYS B 58 26.39 -18.76 -1.79
CA LYS B 58 27.37 -17.66 -1.84
C LYS B 58 26.64 -16.34 -1.69
N ARG B 59 26.96 -15.58 -0.64
CA ARG B 59 26.33 -14.28 -0.47
C ARG B 59 26.84 -13.34 -1.56
N LEU B 60 25.93 -12.69 -2.25
CA LEU B 60 26.27 -11.73 -3.29
C LEU B 60 26.53 -10.32 -2.73
N PRO B 61 27.28 -9.49 -3.45
CA PRO B 61 27.50 -8.11 -2.99
C PRO B 61 26.18 -7.39 -2.76
N HIS B 62 26.11 -6.63 -1.68
CA HIS B 62 24.85 -6.06 -1.23
C HIS B 62 24.35 -4.97 -2.18
N ARG B 63 23.08 -5.09 -2.61
CA ARG B 63 22.47 -4.18 -3.57
C ARG B 63 21.07 -3.84 -3.09
N ASP B 64 20.60 -2.66 -3.51
CA ASP B 64 19.21 -2.28 -3.25
C ASP B 64 18.25 -3.33 -3.81
N TYR B 65 17.15 -3.54 -3.11
CA TYR B 65 16.10 -4.41 -3.63
C TYR B 65 15.26 -3.66 -4.65
N THR B 66 14.99 -4.32 -5.78
CA THR B 66 14.11 -3.75 -6.81
C THR B 66 13.16 -4.85 -7.28
N THR B 67 11.87 -4.51 -7.36
CA THR B 67 10.90 -5.41 -7.94
C THR B 67 10.04 -4.60 -8.90
N TYR B 68 9.18 -5.33 -9.60
CA TYR B 68 8.36 -4.75 -10.67
C TYR B 68 6.99 -4.32 -10.15
N LYS B 69 6.50 -3.17 -10.61
CA LYS B 69 5.15 -2.77 -10.22
C LYS B 69 4.12 -3.78 -10.68
N LYS B 70 4.38 -4.49 -11.80
CA LYS B 70 3.42 -5.47 -12.28
C LYS B 70 3.22 -6.63 -11.31
N PHE B 71 4.15 -6.88 -10.39
CA PHE B 71 3.95 -7.89 -9.34
C PHE B 71 3.61 -7.26 -8.00
N ASN B 72 4.21 -6.10 -7.71
CA ASN B 72 4.04 -5.44 -6.42
C ASN B 72 3.71 -3.98 -6.72
N PRO B 73 2.43 -3.62 -6.74
CA PRO B 73 2.05 -2.26 -7.11
C PRO B 73 2.37 -1.21 -6.06
N VAL B 74 2.61 -1.61 -4.80
N VAL B 74 2.51 -1.57 -4.78
CA VAL B 74 2.81 -0.68 -3.68
CA VAL B 74 2.84 -0.56 -3.78
C VAL B 74 4.30 -0.51 -3.37
C VAL B 74 4.36 -0.41 -3.63
N GLY B 75 5.12 -1.48 -3.75
CA GLY B 75 6.55 -1.40 -3.48
C GLY B 75 7.44 -1.67 -4.66
N GLY B 76 6.86 -1.70 -5.87
CA GLY B 76 7.58 -1.95 -7.08
C GLY B 76 8.06 -0.68 -7.76
N GLY B 77 9.03 -0.85 -8.66
CA GLY B 77 9.51 0.26 -9.47
C GLY B 77 10.37 1.27 -8.76
N ILE B 78 10.90 0.95 -7.58
CA ILE B 78 11.77 1.86 -6.83
C ILE B 78 12.96 1.11 -6.25
N ARG B 79 14.05 1.85 -6.02
N ARG B 79 14.05 1.85 -6.04
CA ARG B 79 15.21 1.29 -5.32
CA ARG B 79 15.19 1.32 -5.29
C ARG B 79 14.94 1.31 -3.81
C ARG B 79 14.84 1.30 -3.81
N ARG B 80 14.93 0.12 -3.20
CA ARG B 80 14.65 -0.03 -1.78
C ARG B 80 15.93 -0.39 -1.04
N VAL B 81 16.42 0.57 -0.25
CA VAL B 81 17.72 0.47 0.41
C VAL B 81 17.49 -0.21 1.75
N TYR B 82 17.95 -1.45 1.87
CA TYR B 82 17.84 -2.22 3.09
C TYR B 82 19.22 -2.56 3.61
N GLU B 83 19.28 -2.89 4.88
CA GLU B 83 20.55 -3.38 5.39
C GLU B 83 20.66 -4.90 5.24
N PRO B 84 21.88 -5.44 5.16
CA PRO B 84 22.05 -6.90 4.99
C PRO B 84 21.60 -7.68 6.22
N ILE B 85 21.23 -8.93 5.96
CA ILE B 85 20.94 -9.87 7.04
C ILE B 85 22.23 -10.21 7.78
N GLU B 86 22.16 -10.24 9.11
CA GLU B 86 23.33 -10.52 9.97
C GLU B 86 23.54 -12.02 10.14
N VAL B 87 22.46 -12.77 10.35
CA VAL B 87 22.50 -14.19 10.67
C VAL B 87 22.46 -15.08 9.42
N ASP B 88 22.57 -16.40 9.62
CA ASP B 88 22.75 -17.37 8.53
C ASP B 88 21.47 -18.19 8.42
N PHE B 89 20.63 -17.85 7.46
CA PHE B 89 19.42 -18.61 7.20
C PHE B 89 19.64 -19.82 6.30
N THR B 90 20.86 -20.05 5.84
CA THR B 90 20.97 -21.06 4.80
C THR B 90 20.69 -22.48 5.29
N PRO B 91 20.90 -22.86 6.56
CA PRO B 91 20.38 -24.18 7.01
C PRO B 91 18.88 -24.31 6.87
N LEU B 92 18.16 -23.27 7.25
CA LEU B 92 16.71 -23.28 7.10
C LEU B 92 16.32 -23.40 5.63
N ILE B 93 16.99 -22.64 4.76
CA ILE B 93 16.64 -22.64 3.35
C ILE B 93 16.92 -24.00 2.72
N SER B 94 17.93 -24.71 3.23
CA SER B 94 18.26 -26.01 2.64
C SER B 94 17.14 -27.01 2.85
N GLU B 95 16.36 -26.89 3.93
CA GLU B 95 15.17 -27.72 4.14
C GLU B 95 14.14 -27.50 3.05
N GLY B 96 13.91 -26.24 2.70
CA GLY B 96 12.99 -25.95 1.62
C GLY B 96 13.47 -26.46 0.27
N ILE B 97 14.77 -26.30 -0.01
CA ILE B 97 15.36 -26.78 -1.26
C ILE B 97 15.14 -28.28 -1.40
N ARG B 98 15.36 -28.99 -0.29
CA ARG B 98 15.22 -30.45 -0.29
C ARG B 98 13.81 -30.84 -0.66
N GLU B 99 12.81 -30.10 -0.15
CA GLU B 99 11.43 -30.36 -0.47
C GLU B 99 11.04 -29.87 -1.87
N LEU B 100 11.69 -28.82 -2.38
CA LEU B 100 11.38 -28.35 -3.72
C LEU B 100 11.95 -29.28 -4.79
N GLY B 101 13.06 -29.94 -4.50
CA GLY B 101 13.76 -30.71 -5.51
C GLY B 101 14.21 -29.80 -6.64
N LEU B 102 14.88 -28.69 -6.28
CA LEU B 102 15.32 -27.72 -7.28
C LEU B 102 16.16 -28.37 -8.38
N ASP B 103 15.90 -27.95 -9.60
CA ASP B 103 16.63 -28.42 -10.78
C ASP B 103 18.13 -28.20 -10.57
N ARG B 104 18.87 -29.30 -10.50
CA ARG B 104 20.32 -29.21 -10.33
C ARG B 104 21.07 -28.89 -11.63
N SER B 105 20.41 -28.82 -12.77
CA SER B 105 21.09 -28.64 -14.05
C SER B 105 21.54 -27.19 -14.31
N GLU B 106 21.27 -26.27 -13.40
CA GLU B 106 21.75 -24.91 -13.57
C GLU B 106 21.72 -24.23 -12.21
N PRO B 107 22.50 -23.17 -12.03
CA PRO B 107 22.51 -22.48 -10.73
C PRO B 107 21.28 -21.59 -10.56
N TRP B 108 21.04 -21.25 -9.29
CA TRP B 108 19.87 -20.50 -8.85
C TRP B 108 20.33 -19.25 -8.12
N GLN B 109 19.39 -18.31 -7.95
CA GLN B 109 19.65 -17.06 -7.25
C GLN B 109 18.49 -16.81 -6.30
N ILE B 110 18.78 -16.51 -5.05
CA ILE B 110 17.70 -16.29 -4.08
C ILE B 110 17.75 -14.89 -3.49
N ASN B 111 16.56 -14.34 -3.28
CA ASN B 111 16.33 -13.14 -2.50
C ASN B 111 15.86 -13.60 -1.12
N VAL B 112 16.47 -13.08 -0.07
CA VAL B 112 16.12 -13.47 1.29
C VAL B 112 15.69 -12.21 2.04
N HIS B 113 14.44 -12.22 2.53
CA HIS B 113 13.86 -11.09 3.26
C HIS B 113 13.59 -11.50 4.69
N GLN B 114 14.28 -10.88 5.64
CA GLN B 114 14.03 -11.17 7.05
C GLN B 114 13.07 -10.07 7.53
N ASN B 115 11.84 -10.44 7.84
CA ASN B 115 10.77 -9.48 8.14
C ASN B 115 10.21 -9.70 9.54
N ARG B 116 9.98 -8.60 10.24
CA ARG B 116 9.11 -8.55 11.42
C ARG B 116 7.96 -7.62 11.12
N THR B 117 6.73 -8.07 11.36
CA THR B 117 5.57 -7.19 11.34
C THR B 117 4.99 -7.11 12.74
N ARG B 118 4.73 -5.88 13.17
N ARG B 118 4.73 -5.87 13.18
CA ARG B 118 4.14 -5.60 14.47
CA ARG B 118 4.20 -5.56 14.50
C ARG B 118 2.64 -5.38 14.35
C ARG B 118 2.71 -5.23 14.42
N ALA B 119 1.95 -5.73 15.40
CA ALA B 119 0.52 -5.41 15.56
C ALA B 119 0.35 -4.78 16.93
N ASP B 120 -0.65 -3.90 17.06
CA ASP B 120 -0.98 -3.38 18.37
C ASP B 120 -2.48 -3.18 18.43
N GLY B 121 -3.01 -2.92 19.62
CA GLY B 121 -4.42 -2.59 19.71
C GLY B 121 -4.85 -1.49 18.74
N GLY B 122 -5.85 -1.79 17.93
CA GLY B 122 -6.35 -0.86 16.92
C GLY B 122 -5.47 -0.69 15.69
N ARG B 123 -4.31 -1.33 15.61
CA ARG B 123 -3.41 -1.16 14.45
C ARG B 123 -2.89 -2.52 14.03
N PRO B 124 -3.60 -3.18 13.13
CA PRO B 124 -3.13 -4.48 12.62
C PRO B 124 -1.85 -4.26 11.84
N GLY B 125 -1.11 -5.35 11.66
CA GLY B 125 0.06 -5.28 10.83
C GLY B 125 -0.19 -5.92 9.48
N PRO B 126 -0.18 -5.12 8.44
CA PRO B 126 -0.48 -5.68 7.12
C PRO B 126 0.68 -6.52 6.62
N LEU B 127 0.35 -7.62 5.97
CA LEU B 127 1.35 -8.55 5.49
C LEU B 127 1.46 -8.55 3.98
N THR B 128 0.34 -8.39 3.28
CA THR B 128 0.33 -8.36 1.83
C THR B 128 -0.52 -7.17 1.38
N PRO B 129 0.01 -5.95 1.53
CA PRO B 129 -0.65 -4.79 0.92
C PRO B 129 -0.75 -4.85 -0.61
N GLU B 130 0.08 -5.67 -1.26
CA GLU B 130 -0.06 -6.01 -2.68
C GLU B 130 -1.42 -6.63 -3.01
N GLY B 131 -2.14 -7.16 -2.01
CA GLY B 131 -3.32 -7.99 -2.28
C GLY B 131 -2.91 -9.38 -2.75
N VAL B 132 -3.83 -10.09 -3.40
CA VAL B 132 -3.54 -11.40 -3.95
C VAL B 132 -2.53 -11.21 -5.07
N HIS B 133 -1.41 -11.92 -5.02
CA HIS B 133 -0.33 -11.58 -5.95
C HIS B 133 0.52 -12.80 -6.24
N HIS B 134 1.30 -12.69 -7.33
CA HIS B 134 2.50 -13.50 -7.54
C HIS B 134 3.71 -12.65 -7.20
N ASP B 135 4.75 -13.28 -6.59
CA ASP B 135 5.99 -12.54 -6.34
C ASP B 135 6.80 -12.27 -7.60
N GLY B 136 6.59 -13.07 -8.66
CA GLY B 136 7.32 -12.92 -9.89
C GLY B 136 8.43 -13.93 -10.07
N HIS B 137 8.63 -14.81 -9.11
CA HIS B 137 9.71 -15.78 -9.13
C HIS B 137 9.14 -17.16 -9.48
N GLU B 138 10.02 -18.17 -9.49
CA GLU B 138 9.58 -19.52 -9.80
C GLU B 138 9.04 -20.23 -8.56
N PHE B 139 9.79 -20.18 -7.45
CA PHE B 139 9.32 -20.75 -6.19
C PHE B 139 9.48 -19.70 -5.09
N VAL B 140 8.65 -19.82 -4.07
CA VAL B 140 8.78 -18.99 -2.87
C VAL B 140 8.68 -19.88 -1.65
N MET B 141 9.51 -19.62 -0.65
CA MET B 141 9.45 -20.24 0.66
C MET B 141 9.15 -19.18 1.70
N ILE B 142 8.12 -19.37 2.50
CA ILE B 142 7.83 -18.44 3.59
C ILE B 142 7.90 -19.22 4.89
N ALA B 143 8.84 -18.84 5.78
CA ALA B 143 9.04 -19.59 7.01
C ALA B 143 8.73 -18.69 8.20
N ILE B 144 8.00 -19.23 9.18
CA ILE B 144 7.64 -18.49 10.38
C ILE B 144 8.61 -18.85 11.52
N LEU B 145 9.33 -17.84 12.01
CA LEU B 145 10.32 -18.08 13.06
C LEU B 145 9.78 -17.80 14.46
N ASN B 146 8.89 -16.85 14.65
CA ASN B 146 8.42 -16.53 15.98
C ASN B 146 7.12 -15.78 15.82
N LYS B 147 6.17 -16.06 16.70
CA LYS B 147 4.94 -15.29 16.83
C LYS B 147 4.73 -15.03 18.30
N VAL B 148 4.52 -13.76 18.65
CA VAL B 148 4.31 -13.34 20.03
C VAL B 148 3.05 -12.48 20.09
N ASN B 149 2.02 -12.97 20.80
CA ASN B 149 0.84 -12.19 21.14
C ASN B 149 0.12 -11.69 19.89
N VAL B 150 0.03 -12.54 18.87
CA VAL B 150 -0.69 -12.17 17.67
C VAL B 150 -1.72 -13.22 17.29
N ALA B 151 -2.73 -12.74 16.60
CA ALA B 151 -3.71 -13.57 15.91
C ALA B 151 -3.71 -13.18 14.44
N GLY B 152 -4.61 -13.78 13.68
CA GLY B 152 -4.63 -13.43 12.27
C GLY B 152 -3.43 -14.02 11.56
N GLY B 153 -3.01 -13.36 10.50
CA GLY B 153 -1.87 -13.85 9.74
C GLY B 153 -2.11 -15.17 9.05
N THR B 154 -3.27 -15.30 8.40
CA THR B 154 -3.66 -16.54 7.76
C THR B 154 -3.26 -16.48 6.28
N THR B 155 -2.46 -17.45 5.86
CA THR B 155 -2.05 -17.59 4.46
C THR B 155 -3.21 -18.14 3.65
N ARG B 156 -3.46 -17.54 2.47
CA ARG B 156 -4.48 -18.01 1.55
C ARG B 156 -3.85 -18.21 0.19
N LEU B 157 -4.10 -19.38 -0.41
CA LEU B 157 -3.57 -19.68 -1.74
C LEU B 157 -4.71 -19.68 -2.75
N TRP B 158 -4.44 -19.10 -3.92
CA TRP B 158 -5.46 -18.82 -4.92
C TRP B 158 -5.03 -19.37 -6.27
N LYS B 159 -5.99 -19.94 -6.97
CA LYS B 159 -5.77 -20.14 -8.39
C LYS B 159 -5.95 -18.81 -9.14
N PRO B 160 -5.14 -18.53 -10.13
CA PRO B 160 -5.26 -17.27 -10.86
C PRO B 160 -6.69 -17.03 -11.36
N GLY B 161 -7.18 -15.81 -11.10
CA GLY B 161 -8.54 -15.43 -11.43
C GLY B 161 -9.61 -15.87 -10.46
N ALA B 162 -9.32 -16.74 -9.51
CA ALA B 162 -10.37 -17.25 -8.64
C ALA B 162 -10.93 -16.16 -7.74
N ASP B 163 -12.25 -16.28 -7.44
CA ASP B 163 -12.96 -15.42 -6.52
C ASP B 163 -12.66 -15.69 -5.06
N ALA B 164 -12.15 -16.88 -4.73
CA ALA B 164 -11.91 -17.27 -3.35
C ALA B 164 -10.70 -18.20 -3.32
N PRO B 165 -9.99 -18.26 -2.21
CA PRO B 165 -8.83 -19.16 -2.16
C PRO B 165 -9.27 -20.61 -2.06
N PHE B 166 -8.40 -21.50 -2.53
CA PHE B 166 -8.68 -22.92 -2.42
C PHE B 166 -8.04 -23.55 -1.19
N TRP B 167 -7.11 -22.86 -0.55
CA TRP B 167 -6.51 -23.35 0.69
C TRP B 167 -6.25 -22.15 1.59
N SER B 168 -6.47 -22.32 2.89
CA SER B 168 -6.17 -21.29 3.88
C SER B 168 -5.58 -22.02 5.08
N GLY B 169 -4.60 -21.40 5.72
CA GLY B 169 -4.06 -21.96 6.94
C GLY B 169 -3.21 -20.90 7.60
N THR B 170 -3.24 -20.84 8.90
CA THR B 170 -2.38 -19.95 9.65
C THR B 170 -1.09 -20.68 9.97
N LEU B 171 0.01 -20.24 9.38
CA LEU B 171 1.30 -20.88 9.65
C LEU B 171 1.78 -20.42 11.01
N GLU B 172 2.22 -21.38 11.81
CA GLU B 172 2.72 -21.10 13.15
C GLU B 172 4.23 -21.13 13.18
N ALA B 173 4.79 -20.60 14.28
CA ALA B 173 6.23 -20.66 14.45
C ALA B 173 6.73 -22.09 14.29
N GLY B 174 7.77 -22.26 13.48
CA GLY B 174 8.32 -23.57 13.18
C GLY B 174 7.75 -24.23 11.95
N GLN B 175 6.87 -23.55 11.20
CA GLN B 175 6.33 -24.05 9.94
C GLN B 175 6.79 -23.20 8.78
N ALA B 176 6.81 -23.79 7.59
CA ALA B 176 7.08 -23.04 6.37
C ALA B 176 6.17 -23.54 5.28
N VAL B 177 5.79 -22.64 4.35
CA VAL B 177 5.11 -23.06 3.14
C VAL B 177 6.03 -22.86 1.94
N LEU B 178 6.05 -23.84 1.05
N LEU B 178 6.04 -23.84 1.05
CA LEU B 178 6.78 -23.74 -0.21
CA LEU B 178 6.72 -23.76 -0.23
C LEU B 178 5.76 -23.75 -1.33
C LEU B 178 5.66 -23.60 -1.31
N LEU B 179 5.83 -22.76 -2.22
N LEU B 179 5.91 -22.70 -2.28
CA LEU B 179 4.80 -22.60 -3.24
CA LEU B 179 4.92 -22.31 -3.27
C LEU B 179 5.38 -22.39 -4.62
C LEU B 179 5.48 -22.39 -4.68
N ASP B 180 4.66 -22.92 -5.60
CA ASP B 180 4.82 -22.65 -7.03
C ASP B 180 4.28 -21.25 -7.27
N ASP B 181 5.18 -20.27 -7.39
CA ASP B 181 4.80 -18.87 -7.43
C ASP B 181 4.29 -18.44 -8.79
N ARG B 182 4.43 -19.30 -9.79
CA ARG B 182 3.83 -19.06 -11.10
C ARG B 182 2.42 -19.61 -11.19
N GLY B 183 2.18 -20.83 -10.72
CA GLY B 183 0.89 -21.45 -10.84
C GLY B 183 -0.14 -21.02 -9.82
N LEU B 184 0.31 -20.49 -8.68
CA LEU B 184 -0.57 -20.06 -7.60
C LEU B 184 -0.30 -18.59 -7.30
N ALA B 185 -1.30 -17.92 -6.78
CA ALA B 185 -1.15 -16.60 -6.18
C ALA B 185 -1.43 -16.72 -4.69
N HIS B 186 -1.01 -15.71 -3.93
CA HIS B 186 -1.18 -15.80 -2.49
C HIS B 186 -1.48 -14.43 -1.88
N ASP B 187 -2.12 -14.48 -0.71
CA ASP B 187 -2.12 -13.32 0.16
C ASP B 187 -2.16 -13.82 1.60
N VAL B 188 -2.05 -12.89 2.54
CA VAL B 188 -2.06 -13.23 3.96
C VAL B 188 -2.89 -12.20 4.68
N THR B 189 -3.77 -12.67 5.56
CA THR B 189 -4.56 -11.70 6.30
C THR B 189 -3.68 -10.96 7.31
N ASP B 190 -4.11 -9.76 7.70
CA ASP B 190 -3.31 -8.94 8.61
C ASP B 190 -3.03 -9.65 9.92
N VAL B 191 -1.86 -9.33 10.49
CA VAL B 191 -1.51 -9.69 11.87
C VAL B 191 -2.34 -8.85 12.81
N LEU B 192 -2.97 -9.49 13.80
CA LEU B 192 -3.75 -8.76 14.80
C LEU B 192 -3.13 -8.91 16.18
N SER B 193 -3.30 -7.88 17.01
CA SER B 193 -2.96 -8.03 18.43
C SER B 193 -3.86 -9.07 19.07
N ALA B 194 -3.24 -10.00 19.82
CA ALA B 194 -4.06 -11.06 20.40
C ALA B 194 -4.89 -10.57 21.58
N ASP B 195 -4.45 -9.49 22.25
CA ASP B 195 -5.09 -9.09 23.50
C ASP B 195 -5.23 -7.58 23.65
N GLY B 196 -4.91 -6.79 22.64
CA GLY B 196 -4.94 -5.36 22.73
C GLY B 196 -3.58 -4.72 22.87
N GLY B 197 -2.57 -5.50 23.26
CA GLY B 197 -1.24 -5.00 23.45
C GLY B 197 -0.35 -5.31 22.26
N PRO B 198 0.91 -4.93 22.35
CA PRO B 198 1.85 -5.18 21.24
C PRO B 198 2.11 -6.67 21.00
N GLY B 199 2.26 -7.02 19.72
CA GLY B 199 2.63 -8.37 19.32
C GLY B 199 3.40 -8.29 18.02
N HIS B 200 4.04 -9.39 17.66
CA HIS B 200 4.83 -9.38 16.41
C HIS B 200 4.91 -10.78 15.81
N ARG B 201 5.23 -10.80 14.52
CA ARG B 201 5.32 -12.00 13.70
C ARG B 201 6.63 -11.90 12.93
N ASP B 202 7.56 -12.83 13.17
CA ASP B 202 8.90 -12.81 12.60
C ASP B 202 9.03 -13.94 11.59
N ILE B 203 9.40 -13.60 10.34
CA ILE B 203 9.40 -14.56 9.24
C ILE B 203 10.65 -14.37 8.38
N VAL B 204 10.88 -15.32 7.50
CA VAL B 204 11.85 -15.14 6.41
C VAL B 204 11.18 -15.61 5.13
N ILE B 205 11.33 -14.79 4.08
CA ILE B 205 10.79 -15.08 2.76
C ILE B 205 11.96 -15.28 1.83
N ILE B 206 11.93 -16.39 1.12
CA ILE B 206 12.99 -16.73 0.18
C ILE B 206 12.36 -16.92 -1.19
N ALA B 207 12.84 -16.15 -2.16
CA ALA B 207 12.30 -16.15 -3.52
C ALA B 207 13.37 -16.77 -4.40
N PHE B 208 12.99 -17.82 -5.12
CA PHE B 208 13.92 -18.60 -5.94
C PHE B 208 13.71 -18.31 -7.43
N SER B 209 14.81 -17.96 -8.09
CA SER B 209 14.86 -17.82 -9.55
C SER B 209 16.12 -18.50 -10.09
N ARG B 210 16.01 -19.04 -11.30
CA ARG B 210 17.23 -19.55 -11.94
C ARG B 210 18.19 -18.39 -12.17
N TRP B 211 19.50 -18.70 -12.09
CA TRP B 211 20.50 -17.65 -12.30
C TRP B 211 20.32 -16.97 -13.65
N ALA B 212 19.91 -17.74 -14.67
CA ALA B 212 19.65 -17.19 -15.99
C ALA B 212 18.52 -16.17 -15.98
N GLU B 213 17.67 -16.19 -14.94
CA GLU B 213 16.54 -15.27 -14.78
C GLU B 213 16.67 -14.46 -13.49
N LYS B 214 17.90 -14.15 -13.08
CA LYS B 214 18.15 -13.68 -11.72
C LYS B 214 17.56 -12.30 -11.48
N TRP B 215 17.15 -12.07 -10.24
CA TRP B 215 16.67 -10.77 -9.78
C TRP B 215 17.79 -9.97 -9.14
N TYR B 216 18.89 -9.80 -9.87
CA TYR B 216 20.11 -9.27 -9.27
C TYR B 216 20.93 -8.62 -10.38
N GLY B 217 21.42 -7.40 -10.15
CA GLY B 217 22.35 -6.79 -11.09
C GLY B 217 21.70 -5.70 -11.94
N ASP B 218 22.53 -5.08 -12.80
CA ASP B 218 22.11 -3.85 -13.50
C ASP B 218 20.98 -4.10 -14.47
N GLU B 219 20.97 -5.25 -15.15
CA GLU B 219 19.93 -5.51 -16.13
C GLU B 219 18.58 -5.68 -15.43
N HIS B 220 18.54 -6.52 -14.39
CA HIS B 220 17.34 -6.65 -13.58
C HIS B 220 16.88 -5.29 -13.06
N ASP B 221 17.79 -4.50 -12.49
CA ASP B 221 17.40 -3.22 -11.92
C ASP B 221 16.76 -2.33 -12.97
N ALA B 222 17.37 -2.26 -14.15
CA ALA B 222 16.85 -1.38 -15.19
C ALA B 222 15.46 -1.82 -15.62
N ALA B 223 15.23 -3.12 -15.70
CA ALA B 223 13.92 -3.65 -16.08
C ALA B 223 12.89 -3.37 -15.00
N ALA B 224 13.26 -3.56 -13.74
CA ALA B 224 12.27 -3.36 -12.67
C ALA B 224 11.92 -1.90 -12.48
N LEU B 225 12.89 -1.01 -12.68
CA LEU B 225 12.71 0.44 -12.54
C LEU B 225 12.18 1.09 -13.81
N GLU B 226 11.97 0.29 -14.86
CA GLU B 226 11.47 0.73 -16.17
C GLU B 226 12.35 1.82 -16.77
N GLU B 227 13.66 1.61 -16.68
CA GLU B 227 14.64 2.57 -17.17
C GLU B 227 14.98 2.32 -18.64
#